data_9O14
#
_entry.id   9O14
#
_cell.length_a   51.920
_cell.length_b   58.530
_cell.length_c   61.570
_cell.angle_alpha   90.00
_cell.angle_beta   90.00
_cell.angle_gamma   90.00
#
_symmetry.space_group_name_H-M   'P 21 21 21'
#
loop_
_entity.id
_entity.type
_entity.pdbx_description
1 polymer 'Apoptosis regulator Bcl-2,Bcl-2-like protein 1'
2 polymer 'stapled BAD BH3 peptide BAD SAHB 4.2'
3 non-polymer 'NICKEL (II) ION'
4 non-polymer 'NITRILOTRIACETIC ACID'
5 water water
#
loop_
_entity_poly.entity_id
_entity_poly.type
_entity_poly.pdbx_seq_one_letter_code
_entity_poly.pdbx_strand_id
1 'polypeptide(L)'
;MAHAGRTGYDNREIVMKYIHYKLSQRGYEWDAGDDVEENRTEAPEGTESEVVHLTLRQAGDDFSRRYRRDFAEMSSQLHL
TPFTARGRFATVVEELFRDGVNWGRIVAFFEFGGVMCVESVNREMSPLVDNIALWMTEYLNRHLHTWIQDNGGWDAFVEL
YGPSMR
;
A
2 'polypeptide(L)' (ACE)W(MK8)AQR(MK8)GRELRR(NLE)SDEFVDSFK B
#
# COMPACT_ATOMS: atom_id res chain seq x y z
N TYR A 9 0.04 -12.87 12.50
CA TYR A 9 1.03 -11.81 12.32
C TYR A 9 0.48 -10.48 12.82
N ASP A 10 1.39 -9.58 13.19
CA ASP A 10 1.04 -8.25 13.66
C ASP A 10 0.99 -7.30 12.46
N ASN A 11 -0.21 -6.78 12.17
CA ASN A 11 -0.33 -5.90 11.02
C ASN A 11 0.47 -4.61 11.19
N ARG A 12 0.58 -4.11 12.42
CA ARG A 12 1.38 -2.91 12.66
C ARG A 12 2.84 -3.14 12.26
N GLU A 13 3.39 -4.30 12.65
CA GLU A 13 4.77 -4.60 12.28
C GLU A 13 4.94 -4.68 10.78
N ILE A 14 3.96 -5.28 10.08
CA ILE A 14 4.05 -5.37 8.63
C ILE A 14 4.04 -3.99 7.99
N VAL A 15 3.16 -3.10 8.47
CA VAL A 15 3.10 -1.75 7.92
C VAL A 15 4.42 -1.02 8.17
N MET A 16 4.90 -1.04 9.41
CA MET A 16 6.08 -0.26 9.76
C MET A 16 7.31 -0.74 8.98
N LYS A 17 7.49 -2.06 8.88
CA LYS A 17 8.64 -2.56 8.13
C LYS A 17 8.50 -2.25 6.64
N TYR A 18 7.28 -2.33 6.10
CA TYR A 18 7.09 -2.01 4.70
C TYR A 18 7.37 -0.54 4.42
N ILE A 19 6.84 0.35 5.26
CA ILE A 19 7.08 1.78 5.05
C ILE A 19 8.56 2.10 5.16
N HIS A 20 9.23 1.54 6.16
CA HIS A 20 10.66 1.81 6.30
C HIS A 20 11.42 1.36 5.08
N TYR A 21 11.09 0.17 4.55
CA TYR A 21 11.78 -0.32 3.36
C TYR A 21 11.55 0.63 2.18
N LYS A 22 10.31 1.03 1.94
CA LYS A 22 10.04 1.85 0.77
C LYS A 22 10.75 3.21 0.87
N LEU A 23 10.75 3.80 2.06
CA LEU A 23 11.44 5.07 2.25
C LEU A 23 12.95 4.92 2.15
N SER A 24 13.50 3.84 2.71
CA SER A 24 14.94 3.65 2.65
C SER A 24 15.44 3.55 1.22
N GLN A 25 14.63 2.99 0.31
CA GLN A 25 15.02 2.93 -1.09
C GLN A 25 15.14 4.32 -1.71
N ARG A 26 14.50 5.32 -1.13
CA ARG A 26 14.61 6.71 -1.57
C ARG A 26 15.67 7.48 -0.80
N GLY A 27 16.38 6.84 0.12
CA GLY A 27 17.41 7.50 0.89
C GLY A 27 16.93 8.15 2.18
N TYR A 28 15.72 7.84 2.62
CA TYR A 28 15.15 8.41 3.84
C TYR A 28 14.99 7.31 4.87
N GLU A 29 15.56 7.51 6.06
CA GLU A 29 15.47 6.55 7.16
C GLU A 29 14.39 7.02 8.13
N TRP A 30 13.25 6.32 8.13
CA TRP A 30 12.10 6.68 8.94
C TRP A 30 12.13 5.88 10.24
N ASP A 31 12.17 6.58 11.37
CA ASP A 31 12.29 5.96 12.69
C ASP A 31 11.02 5.18 13.00
N ALA A 32 11.11 3.85 12.93
CA ALA A 32 10.01 2.94 13.23
C ALA A 32 10.30 1.56 12.65
N VAL A 51 9.57 -13.80 6.39
CA VAL A 51 9.10 -14.23 5.08
C VAL A 51 7.94 -13.36 4.61
N VAL A 52 7.04 -12.99 5.53
CA VAL A 52 5.93 -12.11 5.14
C VAL A 52 6.47 -10.77 4.66
N HIS A 53 7.39 -10.19 5.43
CA HIS A 53 7.94 -8.88 5.07
C HIS A 53 8.67 -8.93 3.74
N LEU A 54 9.50 -9.95 3.55
CA LEU A 54 10.26 -10.05 2.30
C LEU A 54 9.33 -10.28 1.10
N THR A 55 8.30 -11.10 1.29
CA THR A 55 7.36 -11.35 0.20
C THR A 55 6.60 -10.08 -0.17
N LEU A 56 6.10 -9.36 0.83
CA LEU A 56 5.36 -8.13 0.54
C LEU A 56 6.27 -7.10 -0.13
N ARG A 57 7.50 -6.97 0.36
CA ARG A 57 8.47 -6.05 -0.23
C ARG A 57 8.69 -6.35 -1.71
N GLN A 58 8.95 -7.62 -2.04
CA GLN A 58 9.18 -7.98 -3.44
C GLN A 58 7.93 -7.78 -4.27
N ALA A 59 6.76 -8.16 -3.74
CA ALA A 59 5.52 -8.03 -4.49
C ALA A 59 5.20 -6.57 -4.78
N GLY A 60 5.40 -5.70 -3.79
CA GLY A 60 5.16 -4.27 -3.99
C GLY A 60 6.15 -3.65 -4.97
N ASP A 61 7.43 -4.04 -4.90
CA ASP A 61 8.40 -3.57 -5.87
C ASP A 61 8.02 -4.01 -7.28
N ASP A 62 7.59 -5.26 -7.43
CA ASP A 62 7.16 -5.76 -8.74
C ASP A 62 5.94 -5.00 -9.25
N PHE A 63 4.97 -4.77 -8.36
CA PHE A 63 3.79 -3.97 -8.69
C PHE A 63 4.19 -2.59 -9.19
N SER A 64 5.07 -1.93 -8.45
CA SER A 64 5.49 -0.57 -8.80
C SER A 64 6.17 -0.52 -10.16
N ARG A 65 7.08 -1.46 -10.43
CA ARG A 65 7.86 -1.38 -11.66
C ARG A 65 7.00 -1.69 -12.89
N ARG A 66 5.92 -2.46 -12.71
CA ARG A 66 5.01 -2.73 -13.82
C ARG A 66 4.21 -1.52 -14.22
N TYR A 67 3.96 -0.59 -13.30
CA TYR A 67 2.94 0.43 -13.52
C TYR A 67 3.45 1.82 -13.17
N ARG A 68 4.72 2.11 -13.50
CA ARG A 68 5.29 3.41 -13.14
C ARG A 68 4.51 4.56 -13.76
N ARG A 69 4.01 4.38 -14.99
CA ARG A 69 3.26 5.46 -15.61
C ARG A 69 2.03 5.82 -14.79
N ASP A 70 1.31 4.81 -14.30
CA ASP A 70 0.11 5.09 -13.52
C ASP A 70 0.47 5.68 -12.16
N PHE A 71 1.53 5.19 -11.53
CA PHE A 71 1.93 5.76 -10.24
C PHE A 71 2.41 7.19 -10.39
N ALA A 72 3.09 7.50 -11.50
CA ALA A 72 3.53 8.88 -11.73
C ALA A 72 2.34 9.82 -11.86
N GLU A 73 1.30 9.41 -12.60
CA GLU A 73 0.12 10.25 -12.72
C GLU A 73 -0.57 10.39 -11.37
N MET A 74 -0.71 9.28 -10.64
CA MET A 74 -1.24 9.30 -9.28
C MET A 74 -0.48 10.30 -8.41
N SER A 75 0.86 10.23 -8.44
CA SER A 75 1.67 11.09 -7.59
C SER A 75 1.50 12.56 -7.95
N SER A 76 1.39 12.87 -9.24
CA SER A 76 1.30 14.27 -9.66
C SER A 76 -0.03 14.89 -9.25
N GLN A 77 -1.07 14.07 -9.09
CA GLN A 77 -2.40 14.55 -8.71
C GLN A 77 -2.65 14.51 -7.21
N LEU A 78 -1.69 14.04 -6.43
CA LEU A 78 -1.94 13.78 -5.01
C LEU A 78 -2.19 15.08 -4.24
N HIS A 79 -1.51 16.15 -4.61
CA HIS A 79 -1.61 17.43 -3.90
C HIS A 79 -1.64 17.22 -2.39
N LEU A 80 -0.58 16.61 -1.88
CA LEU A 80 -0.52 16.22 -0.49
C LEU A 80 -0.26 17.44 0.39
N THR A 81 -1.13 17.66 1.37
CA THR A 81 -0.92 18.62 2.44
C THR A 81 -1.45 17.98 3.71
N PRO A 82 -1.00 18.44 4.89
CA PRO A 82 -1.54 17.88 6.13
C PRO A 82 -3.05 18.00 6.20
N PHE A 83 -3.62 19.05 5.61
CA PHE A 83 -5.08 19.23 5.60
C PHE A 83 -5.78 18.14 4.78
N THR A 84 -5.22 17.76 3.63
CA THR A 84 -5.92 16.85 2.72
C THR A 84 -5.53 15.39 2.88
N ALA A 85 -4.47 15.08 3.65
CA ALA A 85 -3.88 13.74 3.58
C ALA A 85 -4.87 12.67 4.02
N ARG A 86 -5.52 12.84 5.18
CA ARG A 86 -6.34 11.75 5.70
C ARG A 86 -7.51 11.45 4.76
N GLY A 87 -8.22 12.48 4.32
CA GLY A 87 -9.34 12.26 3.42
C GLY A 87 -8.92 11.67 2.09
N ARG A 88 -7.75 12.07 1.59
CA ARG A 88 -7.21 11.48 0.38
C ARG A 88 -7.01 9.98 0.56
N PHE A 89 -6.35 9.59 1.65
CA PHE A 89 -6.13 8.17 1.93
C PHE A 89 -7.45 7.42 2.04
N ALA A 90 -8.37 7.92 2.88
CA ALA A 90 -9.60 7.19 3.14
C ALA A 90 -10.42 7.00 1.88
N THR A 91 -10.51 8.04 1.04
CA THR A 91 -11.37 7.95 -0.13
C THR A 91 -10.78 7.01 -1.18
N VAL A 92 -9.46 7.04 -1.38
CA VAL A 92 -8.82 6.14 -2.34
C VAL A 92 -8.99 4.69 -1.89
N VAL A 93 -8.77 4.42 -0.60
CA VAL A 93 -8.85 3.04 -0.12
C VAL A 93 -10.28 2.53 -0.21
N GLU A 94 -11.27 3.40 0.04
CA GLU A 94 -12.66 3.01 -0.12
C GLU A 94 -12.95 2.58 -1.55
N GLU A 95 -12.47 3.35 -2.53
CA GLU A 95 -12.66 2.98 -3.92
C GLU A 95 -11.92 1.68 -4.25
N LEU A 96 -10.72 1.52 -3.69
CA LEU A 96 -9.89 0.35 -3.96
C LEU A 96 -10.60 -0.95 -3.58
N PHE A 97 -11.41 -0.94 -2.52
CA PHE A 97 -12.08 -2.15 -2.05
C PHE A 97 -13.59 -2.12 -2.29
N ARG A 98 -14.07 -1.29 -3.22
CA ARG A 98 -15.51 -1.11 -3.34
C ARG A 98 -16.23 -2.38 -3.78
N ASP A 99 -15.59 -3.20 -4.62
CA ASP A 99 -16.18 -4.44 -5.10
C ASP A 99 -15.56 -5.66 -4.44
N GLY A 100 -14.77 -5.49 -3.37
CA GLY A 100 -14.24 -6.61 -2.63
C GLY A 100 -12.74 -6.50 -2.48
N VAL A 101 -12.13 -7.63 -2.12
CA VAL A 101 -10.72 -7.72 -1.77
C VAL A 101 -10.10 -8.89 -2.51
N ASN A 102 -8.85 -8.72 -2.93
CA ASN A 102 -8.03 -9.85 -3.37
C ASN A 102 -6.58 -9.47 -3.05
N TRP A 103 -5.67 -10.43 -3.18
CA TRP A 103 -4.30 -10.16 -2.74
C TRP A 103 -3.63 -9.08 -3.57
N GLY A 104 -4.04 -8.92 -4.83
CA GLY A 104 -3.54 -7.79 -5.61
C GLY A 104 -3.95 -6.46 -5.02
N ARG A 105 -5.20 -6.36 -4.54
CA ARG A 105 -5.65 -5.14 -3.91
C ARG A 105 -4.86 -4.86 -2.64
N ILE A 106 -4.50 -5.91 -1.90
CA ILE A 106 -3.70 -5.73 -0.69
C ILE A 106 -2.34 -5.13 -1.04
N VAL A 107 -1.67 -5.67 -2.06
CA VAL A 107 -0.39 -5.12 -2.45
C VAL A 107 -0.55 -3.67 -2.89
N ALA A 108 -1.60 -3.36 -3.67
CA ALA A 108 -1.83 -1.99 -4.11
C ALA A 108 -2.08 -1.05 -2.94
N PHE A 109 -2.77 -1.54 -1.91
CA PHE A 109 -2.99 -0.76 -0.68
C PHE A 109 -1.66 -0.36 -0.06
N PHE A 110 -0.72 -1.29 0.02
CA PHE A 110 0.58 -0.96 0.59
C PHE A 110 1.34 -0.01 -0.32
N GLU A 111 1.33 -0.27 -1.63
CA GLU A 111 2.05 0.61 -2.55
C GLU A 111 1.46 2.02 -2.55
N PHE A 112 0.13 2.15 -2.51
CA PHE A 112 -0.45 3.49 -2.46
C PHE A 112 -0.07 4.21 -1.17
N GLY A 113 -0.09 3.50 -0.04
CA GLY A 113 0.43 4.09 1.18
C GLY A 113 1.88 4.50 1.02
N GLY A 114 2.67 3.67 0.32
CA GLY A 114 4.06 4.01 0.06
C GLY A 114 4.21 5.28 -0.74
N VAL A 115 3.38 5.45 -1.77
CA VAL A 115 3.41 6.68 -2.56
C VAL A 115 3.14 7.90 -1.69
N MET A 116 2.15 7.82 -0.80
CA MET A 116 1.86 8.94 0.08
C MET A 116 3.04 9.22 1.01
N CYS A 117 3.71 8.18 1.48
CA CYS A 117 4.87 8.37 2.35
C CYS A 117 6.02 9.02 1.59
N VAL A 118 6.30 8.53 0.37
CA VAL A 118 7.37 9.12 -0.42
C VAL A 118 7.08 10.58 -0.73
N GLU A 119 5.84 10.87 -1.14
CA GLU A 119 5.46 12.26 -1.38
C GLU A 119 5.60 13.08 -0.10
N SER A 120 5.29 12.48 1.05
CA SER A 120 5.40 13.21 2.31
C SER A 120 6.82 13.74 2.52
N VAL A 121 7.83 12.85 2.41
CA VAL A 121 9.19 13.30 2.68
C VAL A 121 9.70 14.20 1.56
N ASN A 122 9.32 13.93 0.31
CA ASN A 122 9.77 14.76 -0.79
C ASN A 122 9.26 16.19 -0.67
N ARG A 123 8.11 16.38 -0.04
CA ARG A 123 7.49 17.69 0.08
C ARG A 123 7.70 18.31 1.46
N GLU A 124 8.67 17.80 2.23
CA GLU A 124 9.04 18.35 3.53
C GLU A 124 7.87 18.31 4.50
N MET A 125 7.11 17.21 4.45
CA MET A 125 6.03 16.93 5.38
C MET A 125 6.27 15.57 6.05
N SER A 126 7.51 15.31 6.45
CA SER A 126 7.84 13.98 6.96
C SER A 126 6.96 13.55 8.13
N PRO A 127 6.44 14.44 8.97
CA PRO A 127 5.53 13.99 10.03
C PRO A 127 4.33 13.21 9.53
N LEU A 128 3.87 13.47 8.30
CA LEU A 128 2.73 12.74 7.78
C LEU A 128 3.00 11.24 7.67
N VAL A 129 4.26 10.83 7.59
CA VAL A 129 4.54 9.39 7.46
C VAL A 129 4.00 8.63 8.66
N ASP A 130 4.20 9.18 9.87
CA ASP A 130 3.65 8.57 11.07
C ASP A 130 2.13 8.43 10.97
N ASN A 131 1.47 9.46 10.45
CA ASN A 131 0.02 9.40 10.30
C ASN A 131 -0.40 8.32 9.31
N ILE A 132 0.27 8.25 8.16
CA ILE A 132 -0.08 7.26 7.15
C ILE A 132 0.12 5.85 7.68
N ALA A 133 1.22 5.64 8.42
CA ALA A 133 1.44 4.33 9.02
C ALA A 133 0.31 3.98 9.98
N LEU A 134 -0.15 4.94 10.78
CA LEU A 134 -1.29 4.71 11.66
C LEU A 134 -2.53 4.35 10.86
N TRP A 135 -2.83 5.12 9.80
CA TRP A 135 -4.03 4.88 9.02
C TRP A 135 -4.00 3.50 8.35
N MET A 136 -2.84 3.11 7.82
CA MET A 136 -2.73 1.80 7.20
C MET A 136 -2.91 0.68 8.22
N THR A 137 -2.25 0.80 9.38
CA THR A 137 -2.38 -0.22 10.43
C THR A 137 -3.83 -0.39 10.85
N GLU A 138 -4.51 0.72 11.14
CA GLU A 138 -5.87 0.61 11.66
C GLU A 138 -6.83 0.12 10.58
N TYR A 139 -6.62 0.53 9.31
CA TYR A 139 -7.48 0.02 8.24
C TYR A 139 -7.29 -1.47 8.07
N LEU A 140 -6.05 -1.95 8.08
CA LEU A 140 -5.84 -3.40 8.02
C LEU A 140 -6.57 -4.10 9.15
N ASN A 141 -6.40 -3.63 10.39
CA ASN A 141 -6.99 -4.32 11.54
C ASN A 141 -8.51 -4.26 11.55
N ARG A 142 -9.10 -3.16 11.05
CA ARG A 142 -10.53 -3.00 11.10
C ARG A 142 -11.23 -3.59 9.87
N HIS A 143 -10.76 -3.24 8.67
CA HIS A 143 -11.49 -3.53 7.44
C HIS A 143 -10.95 -4.72 6.65
N LEU A 144 -9.70 -5.13 6.85
CA LEU A 144 -9.15 -6.19 6.04
C LEU A 144 -8.83 -7.47 6.82
N HIS A 145 -8.81 -7.40 8.14
CA HIS A 145 -8.44 -8.56 8.95
C HIS A 145 -9.33 -9.76 8.66
N THR A 146 -10.65 -9.54 8.62
CA THR A 146 -11.57 -10.65 8.40
C THR A 146 -11.32 -11.32 7.06
N TRP A 147 -11.17 -10.52 6.00
CA TRP A 147 -10.90 -11.10 4.69
C TRP A 147 -9.57 -11.86 4.70
N ILE A 148 -8.54 -11.27 5.28
CA ILE A 148 -7.23 -11.93 5.30
C ILE A 148 -7.34 -13.28 5.98
N GLN A 149 -7.94 -13.31 7.18
CA GLN A 149 -8.07 -14.59 7.87
C GLN A 149 -8.96 -15.56 7.11
N ASP A 150 -10.06 -15.06 6.54
CA ASP A 150 -10.95 -15.94 5.78
C ASP A 150 -10.25 -16.57 4.60
N ASN A 151 -9.22 -15.92 4.06
CA ASN A 151 -8.52 -16.41 2.88
C ASN A 151 -7.18 -17.04 3.22
N GLY A 152 -7.01 -17.48 4.47
CA GLY A 152 -5.84 -18.26 4.86
C GLY A 152 -4.75 -17.50 5.58
N GLY A 153 -4.96 -16.22 5.86
CA GLY A 153 -3.95 -15.42 6.55
C GLY A 153 -2.84 -14.99 5.62
N TRP A 154 -1.90 -14.25 6.21
CA TRP A 154 -0.72 -13.82 5.45
C TRP A 154 0.07 -15.01 4.93
N ASP A 155 -0.06 -16.19 5.55
CA ASP A 155 0.58 -17.38 5.02
C ASP A 155 0.10 -17.68 3.61
N ALA A 156 -1.18 -17.45 3.33
CA ALA A 156 -1.71 -17.69 1.98
C ALA A 156 -1.08 -16.74 0.97
N PHE A 157 -0.87 -15.48 1.36
CA PHE A 157 -0.19 -14.54 0.46
C PHE A 157 1.24 -14.99 0.16
N VAL A 158 1.95 -15.45 1.19
CA VAL A 158 3.30 -15.97 0.97
C VAL A 158 3.26 -17.16 0.03
N GLU A 159 2.30 -18.07 0.24
CA GLU A 159 2.19 -19.23 -0.65
C GLU A 159 1.89 -18.78 -2.08
N LEU A 160 0.99 -17.81 -2.23
CA LEU A 160 0.56 -17.38 -3.57
C LEU A 160 1.71 -16.74 -4.36
N TYR A 161 2.47 -15.86 -3.72
CA TYR A 161 3.51 -15.10 -4.40
C TYR A 161 4.87 -15.78 -4.37
N GLY A 162 5.01 -16.91 -3.68
CA GLY A 162 6.28 -17.57 -3.53
C GLY A 162 6.95 -17.91 -4.85
N PRO A 163 6.18 -18.47 -5.80
CA PRO A 163 6.77 -18.80 -7.11
C PRO A 163 7.30 -17.58 -7.85
N SER A 164 6.84 -16.37 -7.53
CA SER A 164 7.29 -15.15 -8.18
C SER A 164 8.52 -14.54 -7.52
N MET A 165 8.97 -15.07 -6.39
CA MET A 165 10.10 -14.50 -5.66
C MET A 165 11.42 -14.75 -6.38
N TRP B 2 -13.25 13.47 -10.24
CA TRP B 2 -13.14 13.12 -8.83
C TRP B 2 -11.92 12.25 -8.60
N ALA B 4 -10.04 10.68 -6.24
CA ALA B 4 -9.88 9.40 -5.55
C ALA B 4 -10.58 8.27 -6.30
N GLN B 5 -11.71 8.57 -6.94
CA GLN B 5 -12.38 7.57 -7.77
C GLN B 5 -11.50 7.12 -8.92
N ARG B 6 -10.80 8.05 -9.56
CA ARG B 6 -9.92 7.72 -10.67
C ARG B 6 -8.76 6.87 -10.17
N GLY B 8 -8.42 5.11 -7.35
CA GLY B 8 -8.91 3.82 -6.90
C GLY B 8 -9.27 2.90 -8.04
N ARG B 9 -9.88 3.46 -9.09
CA ARG B 9 -10.25 2.63 -10.24
C ARG B 9 -9.01 2.04 -10.90
N GLU B 10 -7.96 2.85 -11.10
CA GLU B 10 -6.75 2.35 -11.73
C GLU B 10 -6.01 1.38 -10.83
N LEU B 11 -5.99 1.66 -9.52
CA LEU B 11 -5.36 0.72 -8.59
C LEU B 11 -6.07 -0.62 -8.62
N ARG B 12 -7.41 -0.62 -8.72
CA ARG B 12 -8.13 -1.87 -8.87
C ARG B 12 -7.76 -2.59 -10.16
N ARG B 13 -7.70 -1.87 -11.28
CA ARG B 13 -7.36 -2.50 -12.56
C ARG B 13 -5.98 -3.13 -12.49
N SER B 15 -4.29 -3.92 -9.72
CA SER B 15 -4.41 -5.01 -8.75
C SER B 15 -4.92 -6.29 -9.40
N ASP B 16 -6.00 -6.17 -10.16
CA ASP B 16 -6.62 -7.36 -10.74
C ASP B 16 -5.75 -7.96 -11.83
N GLU B 17 -5.11 -7.13 -12.66
CA GLU B 17 -4.16 -7.64 -13.64
C GLU B 17 -3.01 -8.34 -12.94
N PHE B 18 -2.48 -7.73 -11.88
CA PHE B 18 -1.34 -8.29 -11.15
C PHE B 18 -1.70 -9.64 -10.55
N VAL B 19 -2.80 -9.71 -9.80
CA VAL B 19 -3.15 -10.96 -9.13
C VAL B 19 -3.52 -12.03 -10.15
N ASP B 20 -4.14 -11.64 -11.26
CA ASP B 20 -4.47 -12.64 -12.29
C ASP B 20 -3.23 -13.15 -13.02
N SER B 21 -2.08 -12.50 -12.86
CA SER B 21 -0.86 -13.00 -13.47
C SER B 21 -0.06 -13.91 -12.54
N PHE B 22 -0.42 -14.01 -11.26
CA PHE B 22 0.25 -14.93 -10.36
C PHE B 22 0.17 -16.35 -10.91
#